data_6AJX
#
_entry.id   6AJX
#
_cell.length_a   32.830
_cell.length_b   46.875
_cell.length_c   78.511
_cell.angle_alpha   90.00
_cell.angle_beta   90.00
_cell.angle_gamma   90.00
#
_symmetry.space_group_name_H-M   'P 21 21 21'
#
loop_
_entity.id
_entity.type
_entity.pdbx_description
1 polymer 'Bromodomain-containing protein 4'
2 non-polymer "2',4,4'-TRIHYDROXYCHALCONE"
3 non-polymer 'SODIUM ION'
4 water water
#
_entity_poly.entity_id   1
_entity_poly.type   'polypeptide(L)'
_entity_poly.pdbx_seq_one_letter_code
;MHHHHHHMSTNPPPPETSNPNKPKRQTNQLQYLLRVVLKTLWKHQFAWPFQQPVDAVKLNLPDYYKIIKTPMDMGTIKKR
LENNYYWNAQECIQDFNTMFTNCYIYNKPGDDIVLMAEALEKLFLQKINELPTEE
;
_entity_poly.pdbx_strand_id   A
#
# COMPACT_ATOMS: atom_id res chain seq x y z
N HIS A 4 -20.52 3.07 27.67
CA HIS A 4 -19.33 2.76 26.88
C HIS A 4 -18.93 3.93 25.98
N HIS A 5 -19.10 5.15 26.50
CA HIS A 5 -18.81 6.34 25.72
C HIS A 5 -17.31 6.54 25.51
N HIS A 6 -16.49 6.02 26.43
CA HIS A 6 -15.03 6.12 26.29
C HIS A 6 -14.51 5.20 25.18
N HIS A 7 -15.19 4.08 24.94
CA HIS A 7 -14.84 3.13 23.87
C HIS A 7 -15.14 3.79 22.53
N MET A 8 -14.19 4.57 22.04
CA MET A 8 -14.30 5.15 20.71
C MET A 8 -13.46 4.37 19.71
N SER A 9 -13.80 4.51 18.42
CA SER A 9 -13.04 3.82 17.39
C SER A 9 -11.59 4.25 17.44
N THR A 10 -10.68 3.30 17.20
CA THR A 10 -9.25 3.58 17.17
C THR A 10 -8.64 2.85 15.98
N ASN A 11 -7.49 3.33 15.57
CA ASN A 11 -6.75 2.72 14.49
C ASN A 11 -5.80 1.66 15.06
N PRO A 12 -5.46 0.62 14.30
CA PRO A 12 -4.42 -0.29 14.76
C PRO A 12 -3.06 0.37 14.54
N PRO A 13 -2.00 -0.14 15.16
CA PRO A 13 -0.67 0.35 14.80
C PRO A 13 -0.44 0.13 13.32
N PRO A 14 0.30 1.02 12.66
CA PRO A 14 0.53 0.88 11.22
C PRO A 14 1.50 -0.25 10.94
N PRO A 15 1.58 -0.71 9.70
CA PRO A 15 2.57 -1.75 9.38
C PRO A 15 3.98 -1.24 9.63
N GLU A 16 4.87 -2.16 10.03
CA GLU A 16 6.25 -1.79 10.29
C GLU A 16 6.94 -1.38 9.00
N THR A 17 7.87 -0.42 9.11
CA THR A 17 8.70 -0.01 7.97
C THR A 17 10.17 -0.33 8.19
N SER A 18 10.52 -0.87 9.34
CA SER A 18 11.85 -1.40 9.56
C SER A 18 11.71 -2.58 10.50
N ASN A 19 12.67 -3.47 10.42
CA ASN A 19 12.69 -4.65 11.27
C ASN A 19 14.13 -5.12 11.24
N PRO A 20 14.88 -4.91 12.32
CA PRO A 20 16.33 -5.19 12.30
C PRO A 20 16.67 -6.66 12.19
N ASN A 21 15.73 -7.56 12.44
CA ASN A 21 16.00 -8.98 12.29
C ASN A 21 15.51 -9.54 10.95
N LYS A 22 14.90 -8.72 10.12
CA LYS A 22 14.43 -9.18 8.82
C LYS A 22 15.56 -9.03 7.80
N PRO A 23 15.85 -10.07 7.00
CA PRO A 23 16.90 -9.94 5.99
C PRO A 23 16.47 -8.96 4.90
N LYS A 24 17.39 -8.07 4.52
CA LYS A 24 17.06 -7.11 3.49
C LYS A 24 18.11 -7.10 2.39
N ARG A 25 17.72 -6.56 1.23
CA ARG A 25 18.60 -6.50 0.07
C ARG A 25 18.27 -5.26 -0.74
N GLN A 26 19.24 -4.87 -1.56
CA GLN A 26 19.07 -3.78 -2.50
C GLN A 26 19.29 -4.36 -3.90
N THR A 27 18.22 -4.49 -4.67
CA THR A 27 18.33 -5.04 -6.02
C THR A 27 17.95 -3.96 -7.02
N ASN A 28 18.39 -4.16 -8.28
CA ASN A 28 18.02 -3.23 -9.34
C ASN A 28 16.50 -3.13 -9.47
N GLN A 29 15.81 -4.27 -9.33
CA GLN A 29 14.36 -4.27 -9.42
C GLN A 29 13.74 -3.47 -8.29
N LEU A 30 14.28 -3.60 -7.07
CA LEU A 30 13.73 -2.83 -5.95
C LEU A 30 14.01 -1.34 -6.13
N GLN A 31 15.18 -0.98 -6.65
CA GLN A 31 15.45 0.43 -6.93
C GLN A 31 14.46 0.99 -7.94
N TYR A 32 14.17 0.21 -9.00
CA TYR A 32 13.18 0.60 -9.99
C TYR A 32 11.80 0.78 -9.36
N LEU A 33 11.41 -0.14 -8.47
CA LEU A 33 10.09 -0.06 -7.85
C LEU A 33 9.90 1.25 -7.10
N LEU A 34 10.98 1.75 -6.47
CA LEU A 34 10.90 3.04 -5.81
C LEU A 34 11.05 4.19 -6.82
N ARG A 35 12.10 4.18 -7.62
CA ARG A 35 12.41 5.32 -8.48
C ARG A 35 11.33 5.56 -9.52
N VAL A 36 10.80 4.50 -10.11
CA VAL A 36 9.89 4.58 -11.25
C VAL A 36 8.46 4.23 -10.85
N VAL A 37 8.26 3.07 -10.23
CA VAL A 37 6.89 2.59 -10.04
C VAL A 37 6.18 3.40 -8.97
N LEU A 38 6.72 3.40 -7.74
CA LEU A 38 6.06 4.14 -6.68
C LEU A 38 6.06 5.63 -6.96
N LYS A 39 7.18 6.19 -7.45
CA LYS A 39 7.26 7.64 -7.56
C LYS A 39 6.42 8.21 -8.69
N THR A 40 6.00 7.39 -9.66
CA THR A 40 5.01 7.86 -10.63
C THR A 40 3.59 7.67 -10.11
N LEU A 41 3.31 6.51 -9.49
CA LEU A 41 1.99 6.31 -8.89
C LEU A 41 1.71 7.39 -7.86
N TRP A 42 2.74 7.76 -7.10
CA TRP A 42 2.61 8.75 -6.04
C TRP A 42 2.15 10.11 -6.56
N LYS A 43 2.47 10.43 -7.81
CA LYS A 43 2.14 11.73 -8.40
C LYS A 43 0.79 11.72 -9.11
N HIS A 44 0.06 10.62 -9.04
CA HIS A 44 -1.21 10.47 -9.74
C HIS A 44 -2.32 11.25 -9.03
N GLN A 45 -3.32 11.67 -9.81
CA GLN A 45 -4.46 12.39 -9.27
C GLN A 45 -5.27 11.54 -8.30
N PHE A 46 -5.21 10.21 -8.46
CA PHE A 46 -5.92 9.28 -7.59
C PHE A 46 -5.04 8.67 -6.51
N ALA A 47 -3.83 9.19 -6.31
CA ALA A 47 -2.91 8.57 -5.36
C ALA A 47 -3.27 8.88 -3.92
N TRP A 48 -3.93 10.01 -3.69
CA TRP A 48 -4.13 10.53 -2.33
C TRP A 48 -4.76 9.56 -1.33
N PRO A 49 -5.73 8.70 -1.68
CA PRO A 49 -6.28 7.80 -0.66
C PRO A 49 -5.34 6.71 -0.23
N PHE A 50 -4.23 6.50 -0.95
CA PHE A 50 -3.34 5.37 -0.74
C PHE A 50 -1.96 5.80 -0.27
N GLN A 51 -1.77 7.09 0.02
CA GLN A 51 -0.45 7.59 0.41
C GLN A 51 -0.18 7.47 1.90
N GLN A 52 -1.07 6.84 2.67
CA GLN A 52 -0.87 6.66 4.10
C GLN A 52 -1.86 5.60 4.56
N PRO A 53 -1.64 4.99 5.72
CA PRO A 53 -2.59 3.98 6.21
C PRO A 53 -3.98 4.58 6.32
N VAL A 54 -4.98 3.76 6.01
CA VAL A 54 -6.37 4.16 6.24
C VAL A 54 -6.48 4.59 7.69
N ASP A 55 -6.89 5.84 7.90
CA ASP A 55 -7.16 6.40 9.22
C ASP A 55 -8.67 6.24 9.47
N ALA A 56 -9.04 5.13 10.11
CA ALA A 56 -10.45 4.81 10.31
C ALA A 56 -11.15 5.81 11.22
N VAL A 57 -10.40 6.44 12.13
CA VAL A 57 -10.99 7.48 12.98
C VAL A 57 -11.32 8.71 12.15
N LYS A 58 -10.35 9.23 11.40
CA LYS A 58 -10.58 10.48 10.68
C LYS A 58 -11.67 10.32 9.62
N LEU A 59 -11.51 9.31 8.75
CA LEU A 59 -12.42 9.05 7.65
C LEU A 59 -13.77 8.49 8.09
N ASN A 60 -13.95 8.25 9.39
CA ASN A 60 -15.22 7.77 9.93
C ASN A 60 -15.61 6.41 9.34
N LEU A 61 -14.65 5.48 9.35
CA LEU A 61 -14.83 4.11 8.86
C LEU A 61 -14.49 3.14 10.00
N PRO A 62 -15.26 3.16 11.08
CA PRO A 62 -14.92 2.31 12.24
C PRO A 62 -14.94 0.82 11.93
N ASP A 63 -15.52 0.40 10.81
CA ASP A 63 -15.55 -1.01 10.43
C ASP A 63 -14.37 -1.41 9.55
N TYR A 64 -13.50 -0.47 9.19
CA TYR A 64 -12.46 -0.77 8.22
C TYR A 64 -11.58 -1.91 8.73
N TYR A 65 -11.03 -1.77 9.93
CA TYR A 65 -10.12 -2.79 10.43
C TYR A 65 -10.83 -3.96 11.08
N LYS A 66 -12.16 -3.94 11.14
CA LYS A 66 -12.90 -5.17 11.39
C LYS A 66 -12.97 -6.04 10.15
N ILE A 67 -12.89 -5.42 8.98
CA ILE A 67 -12.91 -6.13 7.71
C ILE A 67 -11.51 -6.43 7.23
N ILE A 68 -10.62 -5.43 7.26
CA ILE A 68 -9.30 -5.53 6.64
C ILE A 68 -8.28 -5.93 7.70
N LYS A 69 -7.72 -7.15 7.57
CA LYS A 69 -6.81 -7.66 8.59
C LYS A 69 -5.33 -7.58 8.19
N THR A 70 -5.03 -7.28 6.93
CA THR A 70 -3.64 -7.11 6.47
CA THR A 70 -3.64 -7.11 6.45
C THR A 70 -3.55 -5.80 5.71
N PRO A 71 -3.57 -4.68 6.44
CA PRO A 71 -3.58 -3.37 5.76
C PRO A 71 -2.25 -3.08 5.09
N MET A 72 -2.32 -2.22 4.08
CA MET A 72 -1.12 -1.81 3.37
C MET A 72 -1.45 -0.55 2.60
N ASP A 73 -0.43 0.30 2.39
CA ASP A 73 -0.62 1.55 1.68
C ASP A 73 0.72 1.96 1.09
N MET A 74 0.65 2.90 0.13
CA MET A 74 1.87 3.33 -0.55
C MET A 74 2.81 4.10 0.36
N GLY A 75 2.29 4.76 1.39
CA GLY A 75 3.18 5.40 2.36
C GLY A 75 4.03 4.37 3.07
N THR A 76 3.39 3.28 3.51
CA THR A 76 4.13 2.18 4.11
C THR A 76 5.11 1.55 3.10
N ILE A 77 4.67 1.37 1.85
CA ILE A 77 5.56 0.80 0.85
C ILE A 77 6.74 1.72 0.57
N LYS A 78 6.47 3.02 0.38
CA LYS A 78 7.54 3.99 0.14
C LYS A 78 8.58 3.95 1.26
N LYS A 79 8.13 3.99 2.51
CA LYS A 79 9.07 3.93 3.63
C LYS A 79 9.85 2.62 3.63
N ARG A 80 9.17 1.50 3.33
CA ARG A 80 9.86 0.22 3.26
C ARG A 80 10.91 0.23 2.16
N LEU A 81 10.58 0.75 0.98
CA LEU A 81 11.57 0.82 -0.09
C LEU A 81 12.73 1.74 0.29
N GLU A 82 12.42 2.88 0.91
CA GLU A 82 13.48 3.82 1.27
C GLU A 82 14.36 3.26 2.38
N ASN A 83 13.79 2.47 3.28
CA ASN A 83 14.52 1.85 4.38
C ASN A 83 15.19 0.54 3.98
N ASN A 84 15.18 0.17 2.70
CA ASN A 84 15.69 -1.12 2.24
C ASN A 84 15.14 -2.25 3.12
N TYR A 85 13.81 -2.27 3.27
CA TYR A 85 13.16 -3.27 4.11
C TYR A 85 12.97 -4.60 3.38
N TYR A 86 12.92 -4.60 2.05
CA TYR A 86 12.52 -5.78 1.29
C TYR A 86 13.71 -6.64 0.90
N TRP A 87 13.43 -7.93 0.69
CA TRP A 87 14.41 -8.87 0.18
C TRP A 87 14.42 -8.95 -1.34
N ASN A 88 13.25 -8.83 -1.97
CA ASN A 88 13.17 -8.90 -3.42
C ASN A 88 11.97 -8.11 -3.91
N ALA A 89 11.87 -7.99 -5.23
CA ALA A 89 10.78 -7.23 -5.83
C ALA A 89 9.43 -7.87 -5.53
N GLN A 90 9.36 -9.19 -5.55
CA GLN A 90 8.09 -9.89 -5.32
C GLN A 90 7.48 -9.48 -3.98
N GLU A 91 8.31 -9.34 -2.95
CA GLU A 91 7.78 -8.92 -1.65
CA GLU A 91 7.79 -8.91 -1.64
C GLU A 91 7.15 -7.54 -1.72
N CYS A 92 7.78 -6.61 -2.44
CA CYS A 92 7.20 -5.27 -2.56
C CYS A 92 5.95 -5.31 -3.43
N ILE A 93 5.99 -6.11 -4.49
CA ILE A 93 4.84 -6.22 -5.37
C ILE A 93 3.65 -6.81 -4.63
N GLN A 94 3.90 -7.79 -3.76
CA GLN A 94 2.81 -8.34 -2.94
C GLN A 94 2.17 -7.28 -2.06
N ASP A 95 2.96 -6.30 -1.60
CA ASP A 95 2.38 -5.22 -0.80
C ASP A 95 1.46 -4.35 -1.64
N PHE A 96 1.85 -4.04 -2.88
CA PHE A 96 0.95 -3.33 -3.77
C PHE A 96 -0.33 -4.12 -3.99
N ASN A 97 -0.20 -5.43 -4.27
CA ASN A 97 -1.36 -6.27 -4.49
C ASN A 97 -2.29 -6.26 -3.27
N THR A 98 -1.70 -6.34 -2.07
CA THR A 98 -2.49 -6.31 -0.85
C THR A 98 -3.25 -4.99 -0.72
N MET A 99 -2.58 -3.87 -1.02
CA MET A 99 -3.23 -2.56 -0.94
C MET A 99 -4.44 -2.48 -1.87
N PHE A 100 -4.30 -2.94 -3.11
CA PHE A 100 -5.43 -2.86 -4.05
C PHE A 100 -6.54 -3.81 -3.64
N THR A 101 -6.20 -5.06 -3.32
CA THR A 101 -7.21 -6.04 -2.93
C THR A 101 -7.99 -5.59 -1.69
N ASN A 102 -7.32 -4.96 -0.72
CA ASN A 102 -8.07 -4.44 0.45
C ASN A 102 -9.12 -3.43 0.01
N CYS A 103 -8.74 -2.52 -0.89
CA CYS A 103 -9.69 -1.52 -1.36
C CYS A 103 -10.91 -2.18 -2.00
N TYR A 104 -10.68 -3.23 -2.79
CA TYR A 104 -11.77 -3.93 -3.44
C TYR A 104 -12.58 -4.76 -2.44
N ILE A 105 -11.93 -5.33 -1.43
CA ILE A 105 -12.67 -6.07 -0.42
C ILE A 105 -13.60 -5.14 0.37
N TYR A 106 -13.04 -4.04 0.88
CA TYR A 106 -13.80 -3.14 1.76
C TYR A 106 -14.90 -2.41 1.00
N ASN A 107 -14.67 -2.06 -0.26
CA ASN A 107 -15.61 -1.25 -1.02
C ASN A 107 -16.30 -2.10 -2.07
N LYS A 108 -17.26 -1.51 -2.74
CA LYS A 108 -18.03 -2.22 -3.73
C LYS A 108 -17.70 -1.72 -5.13
N PRO A 109 -17.90 -2.56 -6.15
CA PRO A 109 -17.59 -2.13 -7.52
C PRO A 109 -18.33 -0.85 -7.87
N GLY A 110 -17.61 0.12 -8.42
CA GLY A 110 -18.21 1.37 -8.83
C GLY A 110 -18.07 2.51 -7.85
N ASP A 111 -17.66 2.26 -6.61
CA ASP A 111 -17.38 3.34 -5.67
C ASP A 111 -16.25 4.21 -6.20
N ASP A 112 -16.26 5.49 -5.82
CA ASP A 112 -15.20 6.39 -6.27
C ASP A 112 -13.83 5.89 -5.84
N ILE A 113 -13.71 5.39 -4.61
CA ILE A 113 -12.42 4.87 -4.17
C ILE A 113 -12.01 3.65 -4.99
N VAL A 114 -12.96 2.82 -5.41
CA VAL A 114 -12.65 1.63 -6.21
C VAL A 114 -12.21 2.03 -7.62
N LEU A 115 -12.91 2.98 -8.23
CA LEU A 115 -12.51 3.46 -9.54
C LEU A 115 -11.10 4.03 -9.50
N MET A 116 -10.74 4.70 -8.39
CA MET A 116 -9.36 5.15 -8.23
C MET A 116 -8.40 3.98 -8.14
N ALA A 117 -8.71 3.00 -7.29
CA ALA A 117 -7.83 1.83 -7.15
C ALA A 117 -7.65 1.10 -8.46
N GLU A 118 -8.73 0.94 -9.24
CA GLU A 118 -8.60 0.25 -10.52
C GLU A 118 -7.68 1.00 -11.46
N ALA A 119 -7.72 2.34 -11.41
CA ALA A 119 -6.90 3.14 -12.32
C ALA A 119 -5.43 3.09 -11.94
N LEU A 120 -5.14 3.10 -10.64
CA LEU A 120 -3.76 2.95 -10.20
C LEU A 120 -3.26 1.55 -10.41
N GLU A 121 -4.13 0.55 -10.26
CA GLU A 121 -3.70 -0.82 -10.47
C GLU A 121 -3.29 -1.06 -11.91
N LYS A 122 -4.10 -0.57 -12.86
CA LYS A 122 -3.74 -0.73 -14.26
C LYS A 122 -2.44 0.00 -14.61
N LEU A 123 -2.21 1.16 -13.99
CA LEU A 123 -0.94 1.85 -14.22
C LEU A 123 0.22 1.10 -13.57
N PHE A 124 -0.02 0.53 -12.39
CA PHE A 124 0.99 -0.26 -11.70
C PHE A 124 1.38 -1.49 -12.52
N LEU A 125 0.39 -2.19 -13.08
CA LEU A 125 0.68 -3.37 -13.90
C LEU A 125 1.43 -2.98 -15.16
N GLN A 126 1.08 -1.83 -15.76
CA GLN A 126 1.81 -1.29 -16.89
C GLN A 126 3.28 -1.09 -16.52
N LYS A 127 3.53 -0.43 -15.38
CA LYS A 127 4.90 -0.09 -14.99
C LYS A 127 5.73 -1.30 -14.60
N ILE A 128 5.13 -2.34 -14.00
CA ILE A 128 5.90 -3.52 -13.64
C ILE A 128 5.99 -4.52 -14.78
N ASN A 129 5.26 -4.30 -15.87
CA ASN A 129 5.37 -5.19 -17.03
C ASN A 129 6.83 -5.44 -17.38
N GLU A 130 7.65 -4.40 -17.33
CA GLU A 130 9.08 -4.53 -17.59
C GLU A 130 9.86 -4.05 -16.37
N LEU A 131 10.56 -4.98 -15.72
CA LEU A 131 11.46 -4.69 -14.63
C LEU A 131 12.90 -4.87 -15.08
N PRO A 132 13.85 -4.24 -14.42
CA PRO A 132 15.26 -4.47 -14.74
C PRO A 132 15.62 -5.95 -14.62
N THR A 133 16.71 -6.31 -15.30
CA THR A 133 17.21 -7.69 -15.41
C THR A 133 16.11 -8.69 -15.79
#